data_2ZH6
#
_entry.id   2ZH6
#
_cell.length_a   58.034
_cell.length_b   58.034
_cell.length_c   428.948
_cell.angle_alpha   90.00
_cell.angle_beta   90.00
_cell.angle_gamma   90.00
#
_symmetry.space_group_name_H-M   'P 43 21 2'
#
loop_
_entity.id
_entity.type
_entity.pdbx_description
1 polymer 'tRNA (34-MER)'
2 polymer 'CCA-adding enzyme'
3 non-polymer 'MAGNESIUM ION'
4 non-polymer 'SULFATE ION'
5 non-polymer "ADENOSINE-5'-TRIPHOSPHATE"
6 water water
#
loop_
_entity_poly.entity_id
_entity_poly.type
_entity_poly.pdbx_seq_one_letter_code
_entity_poly.pdbx_strand_id
1 'polyribonucleotide' GGCCCGGGGCGGUUCGAUUCCGCCCUGGGCCACU B
2 'polypeptide(L)'
;MKVEEILEKALELVIPDEEEVRKGREAEEELRRRLDELGVEYVFVGSYARNTWLKGSLEIDVFLLFPEEFSKEELRERGL
EIGKAVLDSYEIRYAEHPYVHGVVKGVEVDVVPCYKLKEPKNIKSAVDRTPFHHKWLEGRIKGKENEVRLLKGFLKANGI
YGAEYKVRGFSGYLCELLIVFYGSFLETVKNARRWTRRTVIDVAKGEVRKGEEFFVVDPVDEKRNVAANLSLDNLARFVH
LCREFMEAPSLGFFKPKHPLEIEPERLRKIVEERGTAVFAVKFRKPDIVDDNLYPQLERASRKIFEFLERENFMPLRSAF
KASEEFCYLLFECQIKEISRVFRRMGPQFEDERNVKKFLSRNRAFRPFIENGRWWAFEMRKFTTPEEGVRSYASTHWHTL
GKNVGESIREYFEIISGEKLFKEPVTAELCEMMGVKD
;
A
#
# COMPACT_ATOMS: atom_id res chain seq x y z
N MET B 1 8.27 -24.21 -22.30
CA MET B 1 8.12 -23.32 -21.11
C MET B 1 8.09 -24.12 -19.81
N LYS B 2 9.27 -24.35 -19.22
CA LYS B 2 9.36 -25.07 -17.96
C LYS B 2 10.13 -24.18 -16.99
N VAL B 3 9.72 -24.19 -15.72
CA VAL B 3 10.36 -23.38 -14.69
C VAL B 3 11.86 -23.20 -14.93
N GLU B 4 12.57 -24.32 -14.99
CA GLU B 4 14.01 -24.33 -15.22
C GLU B 4 14.45 -23.27 -16.24
N GLU B 5 14.14 -23.55 -17.52
CA GLU B 5 14.50 -22.66 -18.62
C GLU B 5 14.00 -21.23 -18.41
N ILE B 6 12.76 -21.11 -17.94
CA ILE B 6 12.15 -19.81 -17.70
C ILE B 6 12.95 -18.93 -16.72
N LEU B 7 13.28 -19.49 -15.57
CA LEU B 7 14.03 -18.76 -14.55
C LEU B 7 15.40 -18.38 -15.11
N GLU B 8 15.87 -19.16 -16.06
CA GLU B 8 17.16 -18.90 -16.69
C GLU B 8 17.00 -17.63 -17.52
N LYS B 9 15.88 -17.52 -18.23
CA LYS B 9 15.62 -16.35 -19.05
C LYS B 9 15.31 -15.14 -18.17
N ALA B 10 14.64 -15.38 -17.06
CA ALA B 10 14.26 -14.31 -16.13
C ALA B 10 15.45 -13.56 -15.54
N LEU B 11 16.61 -14.22 -15.46
CA LEU B 11 17.80 -13.59 -14.91
C LEU B 11 18.20 -12.39 -15.76
N GLU B 12 17.94 -12.48 -17.05
CA GLU B 12 18.26 -11.41 -17.99
C GLU B 12 17.46 -10.16 -17.64
N LEU B 13 16.33 -10.36 -16.97
CA LEU B 13 15.46 -9.25 -16.62
C LEU B 13 15.73 -8.66 -15.24
N VAL B 14 16.30 -9.45 -14.33
CA VAL B 14 16.54 -8.95 -12.98
C VAL B 14 17.99 -8.60 -12.66
N ILE B 15 18.94 -9.18 -13.37
CA ILE B 15 20.34 -8.91 -13.09
C ILE B 15 20.89 -7.67 -13.82
N PRO B 16 21.48 -6.74 -13.05
CA PRO B 16 22.05 -5.53 -13.65
C PRO B 16 23.23 -5.86 -14.55
N ASP B 17 23.23 -5.27 -15.74
CA ASP B 17 24.32 -5.47 -16.69
C ASP B 17 25.60 -4.89 -16.11
N GLU B 18 26.73 -5.26 -16.71
CA GLU B 18 28.03 -4.78 -16.27
C GLU B 18 28.14 -3.25 -16.25
N GLU B 19 27.46 -2.60 -17.20
CA GLU B 19 27.48 -1.14 -17.28
C GLU B 19 26.76 -0.47 -16.12
N GLU B 20 25.59 -1.00 -15.75
CA GLU B 20 24.81 -0.45 -14.65
C GLU B 20 25.59 -0.65 -13.34
N VAL B 21 26.28 -1.79 -13.25
CA VAL B 21 27.07 -2.12 -12.07
C VAL B 21 28.24 -1.16 -11.93
N ARG B 22 28.88 -0.86 -13.06
CA ARG B 22 30.02 0.05 -13.09
C ARG B 22 29.55 1.42 -12.62
N LYS B 23 28.37 1.78 -13.10
CA LYS B 23 27.75 3.06 -12.78
C LYS B 23 27.55 3.16 -11.26
N GLY B 24 27.19 2.04 -10.63
CA GLY B 24 26.99 2.04 -9.19
C GLY B 24 28.29 2.08 -8.41
N ARG B 25 29.28 1.30 -8.86
CA ARG B 25 30.59 1.25 -8.22
C ARG B 25 31.23 2.64 -8.31
N GLU B 26 31.08 3.26 -9.47
CA GLU B 26 31.64 4.58 -9.75
C GLU B 26 30.96 5.61 -8.85
N ALA B 27 29.66 5.46 -8.67
CA ALA B 27 28.90 6.36 -7.82
C ALA B 27 29.30 6.12 -6.36
N GLU B 28 29.55 4.87 -6.02
CA GLU B 28 29.94 4.49 -4.69
C GLU B 28 31.26 5.18 -4.32
N GLU B 29 32.24 5.04 -5.21
CA GLU B 29 33.56 5.61 -5.02
C GLU B 29 33.47 7.13 -4.80
N GLU B 30 32.60 7.80 -5.54
CA GLU B 30 32.43 9.24 -5.40
C GLU B 30 31.83 9.61 -4.04
N LEU B 31 30.81 8.87 -3.61
CA LEU B 31 30.18 9.12 -2.30
C LEU B 31 31.26 9.08 -1.23
N ARG B 32 32.02 7.99 -1.22
CA ARG B 32 33.12 7.77 -0.28
C ARG B 32 34.00 9.00 -0.18
N ARG B 33 34.49 9.45 -1.34
CA ARG B 33 35.36 10.60 -1.40
C ARG B 33 34.73 11.88 -0.86
N ARG B 34 33.45 12.10 -1.14
CA ARG B 34 32.79 13.30 -0.66
C ARG B 34 32.63 13.24 0.86
N LEU B 35 32.29 12.04 1.34
CA LEU B 35 32.09 11.79 2.77
C LEU B 35 33.38 11.81 3.59
N ASP B 36 34.43 11.22 3.04
CA ASP B 36 35.72 11.19 3.75
C ASP B 36 36.28 12.60 3.88
N GLU B 37 35.98 13.44 2.89
CA GLU B 37 36.48 14.81 2.90
C GLU B 37 35.82 15.58 4.04
N LEU B 38 34.72 15.06 4.55
CA LEU B 38 34.02 15.70 5.66
C LEU B 38 34.33 14.99 6.96
N GLY B 39 35.08 13.90 6.89
CA GLY B 39 35.40 13.16 8.10
C GLY B 39 34.16 12.67 8.83
N VAL B 40 33.16 12.23 8.07
CA VAL B 40 31.93 11.73 8.66
C VAL B 40 31.99 10.20 8.82
N GLU B 41 31.30 9.67 9.82
CA GLU B 41 31.28 8.23 10.03
C GLU B 41 30.05 7.70 9.31
N TYR B 42 30.24 6.77 8.38
CA TYR B 42 29.13 6.24 7.60
C TYR B 42 29.27 4.76 7.31
N VAL B 43 28.21 4.18 6.76
CA VAL B 43 28.21 2.77 6.41
C VAL B 43 27.21 2.52 5.29
N PHE B 44 27.64 1.77 4.26
CA PHE B 44 26.77 1.45 3.16
C PHE B 44 25.92 0.23 3.50
N VAL B 45 24.60 0.38 3.39
CA VAL B 45 23.69 -0.71 3.71
C VAL B 45 22.68 -0.96 2.59
N GLY B 46 21.72 -1.84 2.86
CA GLY B 46 20.70 -2.15 1.87
C GLY B 46 21.14 -2.88 0.60
N SER B 47 20.22 -2.92 -0.36
CA SER B 47 20.39 -3.55 -1.67
C SER B 47 21.76 -3.41 -2.32
N TYR B 48 22.23 -2.17 -2.42
CA TYR B 48 23.51 -1.95 -3.07
C TYR B 48 24.68 -2.60 -2.35
N ALA B 49 24.74 -2.45 -1.02
CA ALA B 49 25.84 -3.04 -0.25
C ALA B 49 25.87 -4.57 -0.33
N ARG B 50 24.72 -5.19 -0.55
CA ARG B 50 24.64 -6.65 -0.62
C ARG B 50 24.52 -7.19 -2.05
N ASN B 51 24.45 -6.30 -3.02
CA ASN B 51 24.32 -6.69 -4.42
C ASN B 51 23.06 -7.51 -4.70
N THR B 52 21.93 -7.02 -4.18
CA THR B 52 20.65 -7.68 -4.39
C THR B 52 19.65 -6.66 -4.94
N TRP B 53 20.16 -5.61 -5.58
CA TRP B 53 19.29 -4.58 -6.14
C TRP B 53 18.79 -5.02 -7.50
N LEU B 54 17.53 -4.73 -7.79
CA LEU B 54 16.93 -5.14 -9.05
C LEU B 54 17.35 -4.27 -10.21
N LYS B 55 17.62 -4.92 -11.34
CA LYS B 55 18.04 -4.25 -12.56
C LYS B 55 17.10 -3.08 -12.89
N GLY B 56 17.68 -1.89 -13.03
CA GLY B 56 16.91 -0.72 -13.35
C GLY B 56 16.41 0.06 -12.14
N SER B 57 16.47 -0.55 -10.96
CA SER B 57 16.00 0.10 -9.73
C SER B 57 17.10 0.27 -8.68
N LEU B 58 18.27 0.75 -9.11
CA LEU B 58 19.41 0.93 -8.23
C LEU B 58 19.33 2.18 -7.36
N GLU B 59 19.47 1.98 -6.05
CA GLU B 59 19.46 3.08 -5.10
C GLU B 59 20.53 2.73 -4.06
N ILE B 60 21.44 3.66 -3.81
CA ILE B 60 22.50 3.43 -2.83
C ILE B 60 22.06 4.02 -1.49
N ASP B 61 22.18 3.23 -0.43
CA ASP B 61 21.80 3.70 0.90
C ASP B 61 23.07 3.97 1.71
N VAL B 62 23.22 5.20 2.21
CA VAL B 62 24.36 5.58 3.05
C VAL B 62 23.79 5.94 4.41
N PHE B 63 24.26 5.28 5.44
CA PHE B 63 23.79 5.53 6.80
C PHE B 63 24.81 6.27 7.64
N LEU B 64 24.41 7.43 8.14
CA LEU B 64 25.27 8.26 8.97
C LEU B 64 25.09 7.85 10.42
N LEU B 65 26.12 7.27 11.02
CA LEU B 65 26.05 6.80 12.41
C LEU B 65 26.32 7.90 13.44
N PHE B 66 25.36 8.08 14.35
CA PHE B 66 25.46 9.09 15.40
C PHE B 66 25.38 8.46 16.80
N PRO B 67 26.09 9.05 17.77
CA PRO B 67 26.11 8.58 19.17
C PRO B 67 24.71 8.64 19.76
N GLU B 68 24.38 7.66 20.59
CA GLU B 68 23.06 7.58 21.22
C GLU B 68 22.63 8.81 22.01
N GLU B 69 23.58 9.52 22.61
CA GLU B 69 23.23 10.68 23.40
C GLU B 69 22.64 11.83 22.61
N PHE B 70 22.98 11.92 21.32
CA PHE B 70 22.48 12.98 20.45
C PHE B 70 20.94 13.04 20.39
N SER B 71 20.44 14.25 20.14
CA SER B 71 19.00 14.51 20.02
C SER B 71 18.47 14.03 18.68
N LYS B 72 17.17 13.80 18.62
CA LYS B 72 16.55 13.39 17.37
C LYS B 72 16.60 14.63 16.46
N GLU B 73 16.67 15.81 17.08
CA GLU B 73 16.73 17.06 16.33
C GLU B 73 18.14 17.26 15.80
N GLU B 74 19.12 16.80 16.57
CA GLU B 74 20.50 16.94 16.15
C GLU B 74 20.74 16.02 14.96
N LEU B 75 20.15 14.83 15.01
CA LEU B 75 20.31 13.88 13.91
C LEU B 75 19.76 14.47 12.63
N ARG B 76 18.54 15.00 12.73
CA ARG B 76 17.87 15.61 11.60
C ARG B 76 18.72 16.73 11.01
N GLU B 77 19.02 17.74 11.84
CA GLU B 77 19.80 18.88 11.39
C GLU B 77 21.16 18.50 10.81
N ARG B 78 21.92 17.70 11.56
CA ARG B 78 23.23 17.28 11.09
C ARG B 78 23.16 16.38 9.87
N GLY B 79 22.29 15.37 9.92
CA GLY B 79 22.15 14.46 8.80
C GLY B 79 21.72 15.17 7.53
N LEU B 80 20.80 16.14 7.65
CA LEU B 80 20.32 16.86 6.47
C LEU B 80 21.42 17.77 5.94
N GLU B 81 22.26 18.26 6.83
CA GLU B 81 23.37 19.14 6.43
C GLU B 81 24.38 18.33 5.61
N ILE B 82 24.72 17.16 6.14
CA ILE B 82 25.66 16.27 5.48
C ILE B 82 25.12 15.79 4.14
N GLY B 83 23.85 15.38 4.14
CA GLY B 83 23.25 14.90 2.92
C GLY B 83 23.27 15.92 1.80
N LYS B 84 22.89 17.15 2.11
CA LYS B 84 22.85 18.21 1.11
C LYS B 84 24.22 18.55 0.53
N ALA B 85 25.25 18.50 1.36
CA ALA B 85 26.61 18.81 0.94
C ALA B 85 27.26 17.70 0.13
N VAL B 86 26.64 16.52 0.14
CA VAL B 86 27.20 15.36 -0.54
C VAL B 86 26.45 14.88 -1.79
N LEU B 87 25.38 15.58 -2.16
CA LEU B 87 24.60 15.19 -3.34
C LEU B 87 24.59 16.25 -4.46
N ASP B 88 24.66 15.80 -5.72
CA ASP B 88 24.66 16.73 -6.85
C ASP B 88 23.39 17.58 -6.83
N SER B 89 22.27 16.90 -6.67
CA SER B 89 20.97 17.54 -6.57
C SER B 89 20.28 16.74 -5.49
N TYR B 90 19.44 17.39 -4.70
CA TYR B 90 18.76 16.69 -3.62
C TYR B 90 17.30 17.06 -3.47
N GLU B 91 16.63 16.33 -2.59
CA GLU B 91 15.21 16.54 -2.30
C GLU B 91 14.93 16.07 -0.88
N ILE B 92 14.26 16.90 -0.09
CA ILE B 92 13.94 16.51 1.28
C ILE B 92 12.42 16.40 1.40
N ARG B 93 11.94 15.18 1.57
CA ARG B 93 10.50 14.91 1.68
C ARG B 93 10.31 13.58 2.39
N TYR B 94 9.79 13.61 3.60
CA TYR B 94 9.60 12.39 4.38
C TYR B 94 8.45 12.54 5.36
N ALA B 95 7.98 11.44 5.95
CA ALA B 95 6.85 11.48 6.87
C ALA B 95 7.19 11.65 8.35
N GLU B 96 8.29 11.04 8.81
CA GLU B 96 8.67 11.13 10.21
C GLU B 96 10.19 11.09 10.41
N HIS B 97 10.82 10.01 9.98
CA HIS B 97 12.27 9.93 10.12
C HIS B 97 12.94 10.64 8.96
N PRO B 98 13.77 11.65 9.27
CA PRO B 98 14.48 12.45 8.27
C PRO B 98 15.56 11.75 7.45
N TYR B 99 15.76 12.26 6.25
CA TYR B 99 16.77 11.73 5.35
C TYR B 99 16.76 12.59 4.10
N VAL B 100 17.86 12.56 3.36
CA VAL B 100 17.98 13.35 2.14
C VAL B 100 18.05 12.40 0.93
N HIS B 101 17.31 12.72 -0.11
CA HIS B 101 17.37 11.89 -1.30
C HIS B 101 18.06 12.73 -2.37
N GLY B 102 18.86 12.09 -3.19
CA GLY B 102 19.55 12.84 -4.22
C GLY B 102 20.21 11.98 -5.26
N VAL B 103 21.11 12.59 -6.02
CA VAL B 103 21.81 11.90 -7.09
C VAL B 103 23.31 12.11 -7.05
N VAL B 104 24.04 11.07 -7.41
CA VAL B 104 25.49 11.12 -7.46
C VAL B 104 25.90 10.42 -8.75
N LYS B 105 26.65 11.12 -9.58
CA LYS B 105 27.08 10.57 -10.86
C LYS B 105 25.99 9.74 -11.52
N GLY B 106 24.76 10.23 -11.48
CA GLY B 106 23.67 9.54 -12.13
C GLY B 106 22.86 8.50 -11.38
N VAL B 107 23.28 8.12 -10.18
CA VAL B 107 22.51 7.11 -9.45
C VAL B 107 21.84 7.69 -8.22
N GLU B 108 20.63 7.19 -7.96
CA GLU B 108 19.82 7.60 -6.83
C GLU B 108 20.51 7.25 -5.51
N VAL B 109 20.49 8.20 -4.57
CA VAL B 109 21.12 8.00 -3.27
C VAL B 109 20.23 8.47 -2.14
N ASP B 110 20.26 7.75 -1.03
CA ASP B 110 19.50 8.10 0.15
C ASP B 110 20.48 8.22 1.31
N VAL B 111 20.62 9.42 1.86
CA VAL B 111 21.53 9.62 2.99
C VAL B 111 20.64 9.68 4.22
N VAL B 112 20.80 8.68 5.08
CA VAL B 112 19.98 8.57 6.29
C VAL B 112 20.78 8.56 7.59
N PRO B 113 20.31 9.31 8.60
CA PRO B 113 20.94 9.42 9.93
C PRO B 113 20.30 8.42 10.89
N CYS B 114 21.10 7.75 11.70
CA CYS B 114 20.58 6.81 12.68
C CYS B 114 21.53 6.76 13.87
N TYR B 115 21.07 6.16 14.97
CA TYR B 115 21.89 6.04 16.16
C TYR B 115 22.71 4.78 16.09
N LYS B 116 24.01 4.86 16.35
CA LYS B 116 24.81 3.64 16.32
C LYS B 116 24.72 2.95 17.66
N LEU B 117 23.74 2.07 17.75
CA LEU B 117 23.47 1.31 18.96
C LEU B 117 24.24 -0.01 18.95
N LYS B 118 24.12 -0.71 20.07
CA LYS B 118 24.72 -2.01 20.29
C LYS B 118 23.48 -2.83 20.64
N GLU B 119 23.15 -3.81 19.80
CA GLU B 119 21.96 -4.63 20.02
C GLU B 119 20.74 -3.85 19.55
N PRO B 120 20.04 -4.36 18.53
CA PRO B 120 18.84 -3.73 17.96
C PRO B 120 17.70 -3.82 18.97
N LYS B 121 18.08 -3.81 20.25
CA LYS B 121 17.11 -3.91 21.32
C LYS B 121 16.05 -2.81 21.31
N ASN B 122 16.28 -1.74 22.05
CA ASN B 122 15.31 -0.67 22.09
C ASN B 122 15.68 0.48 21.18
N ILE B 123 15.32 0.31 19.91
CA ILE B 123 15.57 1.29 18.87
C ILE B 123 15.15 2.70 19.29
N LYS B 124 15.95 3.69 18.91
CA LYS B 124 15.65 5.08 19.26
C LYS B 124 15.08 5.85 18.08
N SER B 125 15.61 5.59 16.89
CA SER B 125 15.11 6.22 15.67
C SER B 125 14.45 5.08 14.89
N ALA B 126 13.49 5.40 14.04
CA ALA B 126 12.78 4.38 13.28
C ALA B 126 13.64 3.48 12.39
N VAL B 127 14.87 3.91 12.08
CA VAL B 127 15.72 3.14 11.20
C VAL B 127 16.91 2.43 11.83
N ASP B 128 17.02 2.44 13.16
CA ASP B 128 18.16 1.81 13.82
C ASP B 128 18.43 0.34 13.57
N ARG B 129 17.45 -0.40 13.05
CA ARG B 129 17.68 -1.82 12.80
C ARG B 129 18.45 -2.06 11.50
N THR B 130 18.25 -1.18 10.54
CA THR B 130 18.87 -1.33 9.24
C THR B 130 20.33 -1.75 9.27
N PRO B 131 21.17 -1.08 10.07
CA PRO B 131 22.57 -1.50 10.10
C PRO B 131 22.74 -2.95 10.53
N PHE B 132 21.92 -3.39 11.48
CA PHE B 132 22.02 -4.78 11.95
C PHE B 132 21.48 -5.79 10.93
N HIS B 133 20.54 -5.36 10.10
CA HIS B 133 20.00 -6.24 9.08
C HIS B 133 21.14 -6.56 8.14
N HIS B 134 21.94 -5.53 7.85
CA HIS B 134 23.09 -5.70 6.97
C HIS B 134 24.07 -6.71 7.54
N LYS B 135 24.44 -6.52 8.81
CA LYS B 135 25.37 -7.43 9.45
C LYS B 135 24.87 -8.87 9.39
N TRP B 136 23.59 -9.06 9.73
CA TRP B 136 22.99 -10.38 9.74
C TRP B 136 22.86 -11.01 8.35
N LEU B 137 22.71 -10.17 7.34
CA LEU B 137 22.52 -10.66 5.98
C LEU B 137 23.78 -10.83 5.13
N GLU B 138 24.76 -9.97 5.29
CA GLU B 138 25.95 -10.05 4.46
C GLU B 138 26.61 -11.42 4.39
N GLY B 139 26.66 -12.13 5.51
CA GLY B 139 27.29 -13.43 5.49
C GLY B 139 26.39 -14.59 5.09
N ARG B 140 25.08 -14.35 5.02
CA ARG B 140 24.15 -15.41 4.66
C ARG B 140 23.55 -15.32 3.26
N ILE B 141 23.49 -14.12 2.70
CA ILE B 141 22.90 -13.98 1.36
C ILE B 141 23.93 -14.13 0.27
N LYS B 142 25.19 -14.25 0.66
CA LYS B 142 26.27 -14.40 -0.31
C LYS B 142 26.03 -15.66 -1.13
N GLY B 143 26.11 -15.53 -2.45
CA GLY B 143 25.89 -16.66 -3.34
C GLY B 143 24.44 -16.82 -3.80
N LYS B 144 23.52 -16.07 -3.18
CA LYS B 144 22.12 -16.18 -3.55
C LYS B 144 21.47 -14.84 -3.87
N GLU B 145 22.28 -13.87 -4.27
CA GLU B 145 21.73 -12.56 -4.58
C GLU B 145 20.83 -12.56 -5.83
N ASN B 146 21.13 -13.41 -6.81
CA ASN B 146 20.29 -13.46 -8.00
C ASN B 146 18.95 -14.11 -7.66
N GLU B 147 18.95 -14.93 -6.61
CA GLU B 147 17.71 -15.56 -6.20
C GLU B 147 16.82 -14.46 -5.63
N VAL B 148 17.45 -13.51 -4.93
CA VAL B 148 16.71 -12.40 -4.34
C VAL B 148 16.12 -11.53 -5.45
N ARG B 149 16.92 -11.29 -6.48
CA ARG B 149 16.50 -10.49 -7.62
C ARG B 149 15.32 -11.10 -8.33
N LEU B 150 15.30 -12.42 -8.46
CA LEU B 150 14.17 -13.09 -9.12
C LEU B 150 12.91 -12.77 -8.32
N LEU B 151 12.99 -12.93 -7.01
CA LEU B 151 11.85 -12.64 -6.14
C LEU B 151 11.41 -11.18 -6.26
N LYS B 152 12.35 -10.25 -6.20
CA LYS B 152 11.98 -8.84 -6.31
C LYS B 152 11.31 -8.56 -7.66
N GLY B 153 11.89 -9.09 -8.74
CA GLY B 153 11.32 -8.86 -10.05
C GLY B 153 9.90 -9.39 -10.17
N PHE B 154 9.69 -10.56 -9.58
CA PHE B 154 8.40 -11.24 -9.58
C PHE B 154 7.33 -10.40 -8.90
N LEU B 155 7.63 -9.94 -7.69
CA LEU B 155 6.69 -9.13 -6.91
C LEU B 155 6.47 -7.75 -7.55
N LYS B 156 7.54 -7.19 -8.12
CA LYS B 156 7.45 -5.88 -8.75
C LYS B 156 6.53 -5.92 -9.96
N ALA B 157 6.74 -6.92 -10.81
CA ALA B 157 5.92 -7.07 -12.01
C ALA B 157 4.45 -7.24 -11.70
N ASN B 158 4.14 -7.79 -10.53
CA ASN B 158 2.74 -8.01 -10.13
C ASN B 158 2.21 -7.03 -9.09
N GLY B 159 2.81 -5.84 -9.03
CA GLY B 159 2.36 -4.79 -8.14
C GLY B 159 2.35 -4.96 -6.62
N ILE B 160 3.10 -5.93 -6.11
CA ILE B 160 3.10 -6.15 -4.68
C ILE B 160 4.49 -6.09 -4.06
N TYR B 161 5.41 -5.39 -4.73
CA TYR B 161 6.74 -5.31 -4.19
C TYR B 161 6.82 -4.45 -2.93
N GLY B 162 7.09 -3.16 -3.05
CA GLY B 162 7.21 -2.34 -1.86
C GLY B 162 6.34 -2.53 -0.61
N ALA B 163 6.89 -2.15 0.54
CA ALA B 163 6.15 -2.26 1.80
C ALA B 163 5.51 -0.92 2.21
N GLU B 164 5.73 0.12 1.42
CA GLU B 164 5.13 1.41 1.75
C GLU B 164 3.61 1.34 1.59
N TYR B 165 2.89 2.22 2.26
CA TYR B 165 1.43 2.22 2.21
C TYR B 165 0.76 2.24 0.84
N LYS B 166 1.45 2.73 -0.17
CA LYS B 166 0.85 2.76 -1.49
C LYS B 166 0.73 1.32 -2.03
N VAL B 167 1.64 0.46 -1.59
CA VAL B 167 1.67 -0.93 -2.05
C VAL B 167 1.25 -1.97 -1.00
N ARG B 168 1.63 -1.76 0.25
CA ARG B 168 1.30 -2.73 1.30
C ARG B 168 1.73 -4.11 0.80
N GLY B 169 2.98 -4.21 0.38
CA GLY B 169 3.50 -5.48 -0.12
C GLY B 169 4.73 -5.98 0.62
N PHE B 170 5.60 -6.65 -0.12
CA PHE B 170 6.83 -7.23 0.43
C PHE B 170 8.01 -6.27 0.32
N SER B 171 8.65 -5.93 1.45
CA SER B 171 9.79 -5.05 1.41
C SER B 171 10.96 -5.82 0.82
N GLY B 172 12.03 -5.11 0.48
CA GLY B 172 13.21 -5.76 -0.06
C GLY B 172 13.79 -6.68 0.98
N TYR B 173 13.85 -6.17 2.21
CA TYR B 173 14.38 -6.92 3.33
C TYR B 173 13.64 -8.25 3.48
N LEU B 174 12.32 -8.20 3.46
CA LEU B 174 11.54 -9.43 3.58
C LEU B 174 12.00 -10.43 2.52
N CYS B 175 12.20 -9.95 1.30
CA CYS B 175 12.62 -10.84 0.22
C CYS B 175 13.90 -11.58 0.56
N GLU B 176 14.90 -10.86 1.06
CA GLU B 176 16.16 -11.47 1.42
C GLU B 176 15.99 -12.47 2.57
N LEU B 177 15.12 -12.15 3.52
CA LEU B 177 14.88 -13.08 4.61
C LEU B 177 14.26 -14.36 4.06
N LEU B 178 13.32 -14.21 3.13
CA LEU B 178 12.68 -15.38 2.54
C LEU B 178 13.69 -16.22 1.79
N ILE B 179 14.61 -15.58 1.08
CA ILE B 179 15.62 -16.30 0.32
C ILE B 179 16.54 -17.09 1.25
N VAL B 180 16.92 -16.49 2.38
CA VAL B 180 17.78 -17.15 3.34
C VAL B 180 17.06 -18.35 3.95
N PHE B 181 15.76 -18.20 4.13
CA PHE B 181 14.94 -19.25 4.73
C PHE B 181 14.63 -20.44 3.81
N TYR B 182 14.31 -20.18 2.55
CA TYR B 182 13.98 -21.25 1.61
C TYR B 182 15.15 -21.64 0.68
N GLY B 183 16.18 -20.80 0.62
CA GLY B 183 17.33 -21.13 -0.20
C GLY B 183 17.30 -20.62 -1.63
N SER B 184 16.12 -20.40 -2.19
CA SER B 184 16.03 -19.92 -3.57
C SER B 184 14.64 -19.41 -3.90
N PHE B 185 14.53 -18.78 -5.06
CA PHE B 185 13.25 -18.24 -5.53
C PHE B 185 12.23 -19.34 -5.78
N LEU B 186 12.67 -20.43 -6.42
CA LEU B 186 11.76 -21.52 -6.73
C LEU B 186 11.22 -22.15 -5.46
N GLU B 187 12.10 -22.36 -4.49
CA GLU B 187 11.68 -22.95 -3.23
C GLU B 187 10.65 -22.07 -2.54
N THR B 188 10.96 -20.78 -2.48
CA THR B 188 10.06 -19.81 -1.86
C THR B 188 8.67 -19.90 -2.49
N VAL B 189 8.62 -19.82 -3.82
CA VAL B 189 7.36 -19.91 -4.52
C VAL B 189 6.66 -21.23 -4.24
N LYS B 190 7.42 -22.33 -4.25
CA LYS B 190 6.83 -23.64 -4.00
C LYS B 190 6.12 -23.73 -2.65
N ASN B 191 6.80 -23.28 -1.59
CA ASN B 191 6.25 -23.31 -0.24
C ASN B 191 5.19 -22.25 0.02
N ALA B 192 5.33 -21.08 -0.59
CA ALA B 192 4.37 -20.01 -0.41
C ALA B 192 2.97 -20.46 -0.79
N ARG B 193 2.88 -21.44 -1.68
CA ARG B 193 1.57 -21.96 -2.12
C ARG B 193 0.76 -22.52 -0.96
N ARG B 194 1.42 -22.79 0.17
CA ARG B 194 0.74 -23.34 1.33
C ARG B 194 0.70 -22.38 2.51
N TRP B 195 1.09 -21.12 2.30
CA TRP B 195 1.04 -20.15 3.37
C TRP B 195 -0.43 -19.88 3.70
N THR B 196 -0.71 -19.48 4.93
CA THR B 196 -2.07 -19.15 5.32
C THR B 196 -1.97 -17.79 6.00
N ARG B 197 -3.12 -17.21 6.33
CA ARG B 197 -3.13 -15.92 6.99
C ARG B 197 -2.65 -16.04 8.43
N ARG B 198 -2.36 -17.27 8.86
CA ARG B 198 -1.87 -17.51 10.23
C ARG B 198 -0.41 -17.98 10.23
N THR B 199 0.20 -17.99 9.04
CA THR B 199 1.58 -18.46 8.92
C THR B 199 2.62 -17.59 9.59
N VAL B 200 3.50 -18.25 10.33
CA VAL B 200 4.60 -17.60 11.05
C VAL B 200 5.94 -18.19 10.58
N ILE B 201 6.80 -17.32 10.06
CA ILE B 201 8.11 -17.72 9.59
C ILE B 201 9.16 -17.07 10.46
N ASP B 202 9.93 -17.89 11.16
CA ASP B 202 10.98 -17.41 12.07
C ASP B 202 12.33 -17.88 11.53
N VAL B 203 12.98 -17.03 10.72
CA VAL B 203 14.25 -17.39 10.12
C VAL B 203 15.37 -17.72 11.09
N ALA B 204 15.44 -17.01 12.21
CA ALA B 204 16.50 -17.27 13.17
C ALA B 204 16.36 -18.65 13.81
N LYS B 205 15.13 -19.13 13.92
CA LYS B 205 14.89 -20.43 14.50
C LYS B 205 14.70 -21.48 13.40
N GLY B 206 14.79 -21.05 12.15
CA GLY B 206 14.63 -21.95 11.02
C GLY B 206 13.33 -22.75 11.13
N GLU B 207 12.29 -22.08 11.61
CA GLU B 207 11.01 -22.72 11.83
C GLU B 207 9.82 -21.98 11.25
N VAL B 208 8.78 -22.75 10.94
CA VAL B 208 7.53 -22.21 10.43
C VAL B 208 6.46 -22.75 11.37
N ARG B 209 5.72 -21.84 12.00
CA ARG B 209 4.66 -22.26 12.91
C ARG B 209 3.33 -21.55 12.60
N LYS B 210 2.28 -21.92 13.33
CA LYS B 210 0.95 -21.35 13.16
C LYS B 210 0.82 -20.22 14.18
N GLY B 211 0.24 -19.09 13.79
CA GLY B 211 0.11 -17.99 14.72
C GLY B 211 -1.20 -17.22 14.69
N GLU B 212 -1.12 -15.97 15.11
CA GLU B 212 -2.27 -15.09 15.16
C GLU B 212 -2.57 -14.54 13.78
N GLU B 213 -1.52 -14.13 13.08
CA GLU B 213 -1.63 -13.57 11.73
C GLU B 213 -0.33 -13.86 10.99
N PHE B 214 -0.22 -13.38 9.75
CA PHE B 214 1.00 -13.59 8.98
C PHE B 214 2.14 -12.85 9.68
N PHE B 215 3.14 -13.60 10.12
CA PHE B 215 4.25 -13.02 10.85
C PHE B 215 5.63 -13.56 10.44
N VAL B 216 6.51 -12.67 10.00
CA VAL B 216 7.86 -13.05 9.61
C VAL B 216 8.77 -12.39 10.62
N VAL B 217 9.17 -13.12 11.66
CA VAL B 217 10.01 -12.53 12.68
C VAL B 217 11.42 -12.16 12.25
N ASP B 218 11.75 -10.90 12.50
CA ASP B 218 13.04 -10.30 12.18
C ASP B 218 14.14 -11.00 12.99
N PRO B 219 15.18 -11.51 12.33
CA PRO B 219 16.28 -12.21 13.02
C PRO B 219 16.94 -11.28 14.03
N VAL B 220 16.86 -10.00 13.73
CA VAL B 220 17.45 -8.94 14.52
C VAL B 220 16.61 -8.49 15.72
N ASP B 221 15.31 -8.74 15.67
CA ASP B 221 14.42 -8.32 16.76
C ASP B 221 13.17 -9.19 16.68
N GLU B 222 13.13 -10.22 17.52
CA GLU B 222 12.02 -11.18 17.51
C GLU B 222 10.61 -10.62 17.67
N LYS B 223 10.49 -9.41 18.19
CA LYS B 223 9.16 -8.81 18.36
C LYS B 223 8.73 -8.06 17.10
N ARG B 224 9.66 -7.89 16.16
CA ARG B 224 9.39 -7.17 14.93
C ARG B 224 8.88 -8.06 13.79
N ASN B 225 7.68 -7.79 13.32
CA ASN B 225 7.11 -8.53 12.20
C ASN B 225 7.54 -7.80 10.92
N VAL B 226 8.47 -8.39 10.17
CA VAL B 226 8.95 -7.76 8.94
C VAL B 226 7.83 -7.54 7.92
N ALA B 227 6.80 -8.39 7.97
CA ALA B 227 5.66 -8.31 7.05
C ALA B 227 4.44 -7.65 7.70
N ALA B 228 4.68 -6.79 8.68
CA ALA B 228 3.58 -6.13 9.36
C ALA B 228 2.64 -5.38 8.42
N ASN B 229 3.19 -4.72 7.42
CA ASN B 229 2.38 -3.93 6.50
C ASN B 229 1.97 -4.62 5.20
N LEU B 230 2.17 -5.93 5.14
CA LEU B 230 1.78 -6.70 3.97
C LEU B 230 0.31 -7.01 4.14
N SER B 231 -0.55 -6.35 3.38
CA SER B 231 -1.99 -6.58 3.52
C SER B 231 -2.39 -8.02 3.31
N LEU B 232 -3.53 -8.40 3.88
CA LEU B 232 -4.05 -9.75 3.73
C LEU B 232 -4.29 -10.06 2.26
N ASP B 233 -4.90 -9.11 1.54
CA ASP B 233 -5.19 -9.33 0.13
C ASP B 233 -3.93 -9.51 -0.70
N ASN B 234 -2.89 -8.72 -0.42
CA ASN B 234 -1.65 -8.84 -1.15
C ASN B 234 -0.96 -10.17 -0.85
N LEU B 235 -1.14 -10.67 0.38
CA LEU B 235 -0.58 -11.96 0.75
C LEU B 235 -1.29 -13.00 -0.10
N ALA B 236 -2.61 -12.86 -0.18
CA ALA B 236 -3.44 -13.78 -0.95
C ALA B 236 -3.12 -13.75 -2.43
N ARG B 237 -2.82 -12.58 -2.97
CA ARG B 237 -2.49 -12.50 -4.39
C ARG B 237 -1.20 -13.25 -4.66
N PHE B 238 -0.22 -13.07 -3.77
CA PHE B 238 1.07 -13.72 -3.91
C PHE B 238 0.95 -15.25 -3.86
N VAL B 239 0.27 -15.75 -2.83
CA VAL B 239 0.12 -17.19 -2.71
C VAL B 239 -0.50 -17.74 -3.98
N HIS B 240 -1.53 -17.07 -4.46
CA HIS B 240 -2.22 -17.51 -5.67
C HIS B 240 -1.30 -17.42 -6.88
N LEU B 241 -0.56 -16.32 -6.98
CA LEU B 241 0.37 -16.15 -8.09
C LEU B 241 1.39 -17.27 -8.06
N CYS B 242 1.71 -17.75 -6.85
CA CYS B 242 2.67 -18.82 -6.73
C CYS B 242 2.08 -20.12 -7.23
N ARG B 243 0.78 -20.32 -7.00
CA ARG B 243 0.12 -21.53 -7.47
C ARG B 243 0.07 -21.50 -9.00
N GLU B 244 -0.37 -20.38 -9.55
CA GLU B 244 -0.46 -20.22 -11.00
C GLU B 244 0.88 -20.41 -11.66
N PHE B 245 1.93 -19.83 -11.08
CA PHE B 245 3.26 -19.92 -11.67
C PHE B 245 3.77 -21.35 -11.76
N MET B 246 3.70 -22.08 -10.65
CA MET B 246 4.18 -23.45 -10.63
C MET B 246 3.33 -24.31 -11.56
N GLU B 247 2.07 -23.94 -11.71
CA GLU B 247 1.14 -24.66 -12.56
C GLU B 247 1.43 -24.43 -14.05
N ALA B 248 1.76 -23.19 -14.40
CA ALA B 248 2.04 -22.85 -15.79
C ALA B 248 3.11 -21.76 -15.87
N PRO B 249 4.38 -22.15 -15.66
CA PRO B 249 5.52 -21.22 -15.70
C PRO B 249 5.47 -20.32 -16.92
N SER B 250 5.96 -19.09 -16.77
CA SER B 250 5.97 -18.15 -17.88
C SER B 250 6.72 -16.90 -17.45
N LEU B 251 7.67 -16.44 -18.26
CA LEU B 251 8.41 -15.24 -17.86
C LEU B 251 7.51 -14.02 -17.97
N GLY B 252 6.24 -14.27 -18.27
CA GLY B 252 5.28 -13.19 -18.36
C GLY B 252 5.05 -12.71 -16.93
N PHE B 253 5.32 -13.60 -15.98
CA PHE B 253 5.18 -13.29 -14.56
C PHE B 253 6.26 -12.31 -14.07
N PHE B 254 7.26 -12.05 -14.91
CA PHE B 254 8.32 -11.13 -14.52
C PHE B 254 8.26 -9.86 -15.37
N LYS B 255 7.37 -9.85 -16.35
CA LYS B 255 7.21 -8.68 -17.21
C LYS B 255 6.04 -7.84 -16.70
N PRO B 256 6.28 -6.54 -16.47
CA PRO B 256 5.20 -5.67 -15.99
C PRO B 256 3.94 -5.81 -16.84
N LYS B 257 2.80 -5.92 -16.17
CA LYS B 257 1.53 -6.09 -16.86
C LYS B 257 1.19 -4.94 -17.81
N HIS B 258 0.51 -5.28 -18.90
CA HIS B 258 0.08 -4.33 -19.94
C HIS B 258 -0.46 -3.02 -19.38
N PRO B 259 0.08 -1.88 -19.86
CA PRO B 259 -0.40 -0.59 -19.36
C PRO B 259 -1.93 -0.44 -19.48
N LEU B 260 -2.52 -1.09 -20.48
CA LEU B 260 -3.97 -1.05 -20.70
C LEU B 260 -4.48 0.36 -21.01
N GLU B 261 -4.98 0.58 -22.24
CA GLU B 261 -5.47 1.90 -22.64
C GLU B 261 -6.99 2.04 -22.75
N ILE B 262 -7.68 0.92 -22.98
CA ILE B 262 -9.15 0.87 -23.11
C ILE B 262 -9.95 2.19 -23.17
N GLU B 263 -10.56 2.42 -24.33
CA GLU B 263 -11.28 3.68 -24.59
C GLU B 263 -12.45 3.95 -23.66
N PRO B 264 -12.68 5.22 -23.34
CA PRO B 264 -13.78 5.64 -22.46
C PRO B 264 -15.15 5.26 -23.01
N GLU B 265 -15.24 5.10 -24.33
CA GLU B 265 -16.50 4.75 -24.95
C GLU B 265 -16.86 3.32 -24.56
N ARG B 266 -15.84 2.49 -24.38
CA ARG B 266 -16.05 1.09 -24.01
C ARG B 266 -16.47 0.99 -22.55
N LEU B 267 -15.87 1.82 -21.71
CA LEU B 267 -16.21 1.84 -20.30
C LEU B 267 -17.70 2.17 -20.16
N ARG B 268 -18.15 3.20 -20.87
CA ARG B 268 -19.55 3.61 -20.82
C ARG B 268 -20.48 2.43 -21.09
N LYS B 269 -20.19 1.69 -22.16
CA LYS B 269 -21.01 0.54 -22.52
C LYS B 269 -21.01 -0.53 -21.46
N ILE B 270 -19.87 -0.74 -20.81
CA ILE B 270 -19.81 -1.74 -19.77
C ILE B 270 -20.68 -1.31 -18.57
N VAL B 271 -20.53 -0.06 -18.15
CA VAL B 271 -21.32 0.46 -17.04
C VAL B 271 -22.81 0.31 -17.37
N GLU B 272 -23.17 0.61 -18.61
CA GLU B 272 -24.55 0.50 -19.06
C GLU B 272 -25.01 -0.96 -18.93
N GLU B 273 -24.16 -1.88 -19.39
CA GLU B 273 -24.47 -3.31 -19.30
C GLU B 273 -24.69 -3.70 -17.84
N ARG B 274 -23.83 -3.19 -16.97
CA ARG B 274 -23.91 -3.48 -15.55
C ARG B 274 -25.13 -2.90 -14.85
N GLY B 275 -25.65 -1.79 -15.39
CA GLY B 275 -26.81 -1.15 -14.80
C GLY B 275 -26.54 -0.64 -13.40
N THR B 276 -25.29 -0.29 -13.13
CA THR B 276 -24.92 0.19 -11.81
C THR B 276 -24.76 1.70 -11.73
N ALA B 277 -24.64 2.20 -10.51
CA ALA B 277 -24.41 3.62 -10.29
C ALA B 277 -22.91 3.74 -10.08
N VAL B 278 -22.22 4.34 -11.05
CA VAL B 278 -20.77 4.52 -10.95
C VAL B 278 -20.47 6.00 -10.82
N PHE B 279 -19.91 6.40 -9.68
CA PHE B 279 -19.59 7.80 -9.46
C PHE B 279 -18.33 7.95 -8.62
N ALA B 280 -17.89 9.18 -8.46
CA ALA B 280 -16.68 9.45 -7.70
C ALA B 280 -16.73 10.78 -6.98
N VAL B 281 -16.05 10.83 -5.84
CA VAL B 281 -15.95 12.04 -5.07
C VAL B 281 -14.60 12.61 -5.46
N LYS B 282 -14.61 13.84 -5.97
CA LYS B 282 -13.39 14.49 -6.41
C LYS B 282 -13.06 15.69 -5.51
N PHE B 283 -11.79 15.82 -5.17
CA PHE B 283 -11.34 16.93 -4.34
C PHE B 283 -9.85 17.21 -4.56
N ARG B 284 -9.38 18.35 -4.05
CA ARG B 284 -7.98 18.71 -4.24
C ARG B 284 -7.04 17.89 -3.38
N LYS B 285 -5.99 17.37 -4.01
CA LYS B 285 -5.01 16.55 -3.31
C LYS B 285 -4.19 17.37 -2.33
N PRO B 286 -4.15 16.93 -1.05
CA PRO B 286 -3.40 17.64 -0.02
C PRO B 286 -1.91 17.53 -0.35
N ASP B 287 -1.15 18.60 -0.09
CA ASP B 287 0.28 18.61 -0.34
C ASP B 287 0.97 17.90 0.82
N ILE B 288 0.89 16.57 0.82
CA ILE B 288 1.50 15.75 1.87
C ILE B 288 2.09 14.50 1.24
N VAL B 289 2.93 13.82 2.01
CA VAL B 289 3.61 12.61 1.53
C VAL B 289 2.70 11.42 1.24
N ASP B 290 3.07 10.65 0.21
CA ASP B 290 2.31 9.47 -0.18
C ASP B 290 1.93 8.65 1.04
N ASP B 291 2.92 8.49 1.91
CA ASP B 291 2.77 7.71 3.12
C ASP B 291 1.77 8.25 4.11
N ASN B 292 1.38 9.50 3.92
CA ASN B 292 0.38 10.11 4.78
C ASN B 292 -0.94 10.12 4.00
N LEU B 293 -0.85 10.39 2.70
CA LEU B 293 -2.04 10.49 1.86
C LEU B 293 -2.85 9.18 1.70
N TYR B 294 -2.23 8.15 1.15
CA TYR B 294 -2.92 6.88 0.91
C TYR B 294 -3.73 6.29 2.04
N PRO B 295 -3.18 6.27 3.27
CA PRO B 295 -3.97 5.71 4.38
C PRO B 295 -5.26 6.53 4.58
N GLN B 296 -5.18 7.83 4.30
CA GLN B 296 -6.33 8.71 4.43
C GLN B 296 -7.30 8.45 3.31
N LEU B 297 -6.77 8.18 2.11
CA LEU B 297 -7.62 7.88 0.97
C LEU B 297 -8.33 6.54 1.24
N GLU B 298 -7.66 5.64 1.97
CA GLU B 298 -8.23 4.34 2.33
C GLU B 298 -9.36 4.51 3.34
N ARG B 299 -9.12 5.35 4.32
CA ARG B 299 -10.10 5.62 5.37
C ARG B 299 -11.34 6.32 4.80
N ALA B 300 -11.12 7.46 4.15
CA ALA B 300 -12.21 8.22 3.56
C ALA B 300 -13.07 7.31 2.67
N SER B 301 -12.40 6.60 1.78
CA SER B 301 -13.04 5.68 0.87
C SER B 301 -13.86 4.62 1.63
N ARG B 302 -13.34 4.15 2.76
CA ARG B 302 -14.01 3.14 3.55
C ARG B 302 -15.19 3.68 4.36
N LYS B 303 -15.02 4.87 4.95
CA LYS B 303 -16.08 5.47 5.74
C LYS B 303 -17.30 5.74 4.87
N ILE B 304 -17.07 6.14 3.62
CA ILE B 304 -18.15 6.42 2.68
C ILE B 304 -18.81 5.13 2.20
N PHE B 305 -18.00 4.08 2.01
CA PHE B 305 -18.49 2.78 1.56
C PHE B 305 -19.45 2.23 2.62
N GLU B 306 -19.07 2.35 3.89
CA GLU B 306 -19.91 1.85 4.97
C GLU B 306 -21.21 2.64 5.05
N PHE B 307 -21.13 3.93 4.76
CA PHE B 307 -22.30 4.78 4.76
C PHE B 307 -23.24 4.28 3.66
N LEU B 308 -22.67 3.90 2.53
CA LEU B 308 -23.48 3.41 1.45
C LEU B 308 -24.12 2.07 1.78
N GLU B 309 -23.42 1.20 2.51
CA GLU B 309 -24.05 -0.08 2.81
C GLU B 309 -25.16 0.01 3.86
N ARG B 310 -24.94 0.75 4.94
CA ARG B 310 -26.00 0.86 5.94
C ARG B 310 -27.16 1.68 5.39
N GLU B 311 -26.92 2.37 4.28
CA GLU B 311 -27.95 3.21 3.67
C GLU B 311 -28.66 2.46 2.54
N ASN B 312 -28.39 1.17 2.45
CA ASN B 312 -29.03 0.30 1.46
C ASN B 312 -28.82 0.56 -0.03
N PHE B 313 -27.67 1.12 -0.39
CA PHE B 313 -27.39 1.36 -1.80
C PHE B 313 -26.64 0.18 -2.40
N MET B 314 -26.39 -0.82 -1.56
CA MET B 314 -25.69 -2.04 -1.97
C MET B 314 -24.40 -1.74 -2.72
N PRO B 315 -23.43 -1.13 -2.03
CA PRO B 315 -22.13 -0.79 -2.62
C PRO B 315 -21.49 -2.09 -3.07
N LEU B 316 -20.84 -2.08 -4.24
CA LEU B 316 -20.18 -3.27 -4.75
C LEU B 316 -18.69 -3.22 -4.37
N ARG B 317 -18.00 -2.18 -4.80
CA ARG B 317 -16.59 -2.03 -4.47
C ARG B 317 -16.23 -0.57 -4.49
N SER B 318 -15.10 -0.24 -3.89
CA SER B 318 -14.62 1.13 -3.90
C SER B 318 -13.17 1.08 -4.33
N ALA B 319 -12.67 2.21 -4.83
CA ALA B 319 -11.28 2.34 -5.26
C ALA B 319 -10.92 3.80 -5.14
N PHE B 320 -9.65 4.13 -5.38
CA PHE B 320 -9.24 5.51 -5.31
C PHE B 320 -8.01 5.79 -6.15
N LYS B 321 -7.88 7.04 -6.59
CA LYS B 321 -6.74 7.41 -7.42
C LYS B 321 -6.30 8.81 -7.06
N ALA B 322 -4.99 9.03 -7.05
CA ALA B 322 -4.45 10.34 -6.74
C ALA B 322 -3.56 10.84 -7.86
N SER B 323 -3.91 11.96 -8.45
CA SER B 323 -3.08 12.56 -9.49
C SER B 323 -2.30 13.63 -8.75
N GLU B 324 -1.52 14.46 -9.44
CA GLU B 324 -0.76 15.49 -8.75
C GLU B 324 -1.67 16.66 -8.38
N GLU B 325 -2.78 16.72 -9.08
CA GLU B 325 -3.79 17.76 -8.93
C GLU B 325 -4.93 17.44 -7.96
N PHE B 326 -5.63 16.34 -8.23
CA PHE B 326 -6.76 15.94 -7.39
C PHE B 326 -6.70 14.50 -6.91
N CYS B 327 -7.72 14.13 -6.14
CA CYS B 327 -7.87 12.78 -5.63
C CYS B 327 -9.28 12.33 -5.99
N TYR B 328 -9.48 11.03 -6.09
CA TYR B 328 -10.79 10.52 -6.45
C TYR B 328 -11.12 9.27 -5.66
N LEU B 329 -12.27 9.28 -5.01
CA LEU B 329 -12.75 8.12 -4.27
C LEU B 329 -13.80 7.59 -5.27
N LEU B 330 -13.67 6.33 -5.66
CA LEU B 330 -14.57 5.72 -6.64
C LEU B 330 -15.55 4.71 -6.05
N PHE B 331 -16.77 4.73 -6.55
CA PHE B 331 -17.80 3.82 -6.07
C PHE B 331 -18.74 3.28 -7.15
N GLU B 332 -19.24 2.07 -6.89
CA GLU B 332 -20.19 1.41 -7.78
C GLU B 332 -21.23 0.75 -6.88
N CYS B 333 -22.50 1.11 -7.07
CA CYS B 333 -23.58 0.54 -6.27
C CYS B 333 -24.59 -0.14 -7.17
N GLN B 334 -25.28 -1.14 -6.63
CA GLN B 334 -26.28 -1.87 -7.42
C GLN B 334 -27.56 -1.06 -7.48
N ILE B 335 -27.72 -0.14 -6.53
CA ILE B 335 -28.92 0.68 -6.47
C ILE B 335 -28.70 2.12 -6.93
N LYS B 336 -29.33 2.49 -8.03
CA LYS B 336 -29.18 3.85 -8.55
C LYS B 336 -30.21 4.75 -7.90
N GLU B 337 -31.35 4.17 -7.54
CA GLU B 337 -32.43 4.94 -6.92
C GLU B 337 -33.28 4.05 -6.03
N ILE B 338 -33.52 4.50 -4.81
CA ILE B 338 -34.33 3.74 -3.87
C ILE B 338 -35.58 4.55 -3.56
N SER B 339 -36.59 3.89 -3.04
CA SER B 339 -37.84 4.57 -2.71
C SER B 339 -37.60 5.58 -1.61
N ARG B 340 -38.59 6.44 -1.42
CA ARG B 340 -38.56 7.46 -0.39
C ARG B 340 -38.93 6.80 0.93
N VAL B 341 -39.92 5.90 0.90
CA VAL B 341 -40.38 5.21 2.11
C VAL B 341 -39.55 3.97 2.46
N PHE B 342 -39.49 3.68 3.76
CA PHE B 342 -38.79 2.51 4.27
C PHE B 342 -39.44 2.21 5.62
N ARG B 343 -39.19 1.03 6.16
CA ARG B 343 -39.78 0.67 7.44
C ARG B 343 -38.77 0.60 8.57
N ARG B 344 -39.15 1.19 9.70
CA ARG B 344 -38.29 1.20 10.87
C ARG B 344 -38.94 0.29 11.92
N MET B 345 -38.14 -0.61 12.49
CA MET B 345 -38.65 -1.54 13.48
C MET B 345 -39.04 -0.87 14.80
N GLY B 346 -40.19 -1.25 15.32
CA GLY B 346 -40.67 -0.68 16.58
C GLY B 346 -40.72 -1.72 17.69
N PRO B 347 -41.25 -1.36 18.87
CA PRO B 347 -41.35 -2.28 20.00
C PRO B 347 -42.40 -3.37 19.83
N GLN B 348 -42.34 -4.40 20.67
CA GLN B 348 -43.33 -5.46 20.63
C GLN B 348 -44.64 -4.91 21.21
N PHE B 349 -45.78 -5.36 20.70
CA PHE B 349 -47.09 -4.86 21.16
C PHE B 349 -47.23 -4.93 22.67
N GLU B 350 -46.54 -5.88 23.26
CA GLU B 350 -46.54 -6.12 24.70
C GLU B 350 -46.41 -4.89 25.62
N ASP B 351 -45.29 -4.18 25.58
CA ASP B 351 -45.16 -3.04 26.47
C ASP B 351 -45.70 -1.76 25.89
N GLU B 352 -46.82 -1.31 26.44
CA GLU B 352 -47.48 -0.11 25.96
C GLU B 352 -46.63 1.14 26.15
N ARG B 353 -45.79 1.15 27.18
CA ARG B 353 -44.94 2.31 27.44
C ARG B 353 -44.18 2.70 26.18
N ASN B 354 -43.44 1.76 25.61
CA ASN B 354 -42.66 2.02 24.41
C ASN B 354 -43.52 2.11 23.16
N VAL B 355 -44.60 1.35 23.11
CA VAL B 355 -45.48 1.42 21.95
C VAL B 355 -46.05 2.83 21.90
N LYS B 356 -46.42 3.34 23.06
CA LYS B 356 -46.99 4.67 23.20
C LYS B 356 -46.00 5.71 22.69
N LYS B 357 -44.77 5.67 23.19
CA LYS B 357 -43.77 6.63 22.75
C LYS B 357 -43.54 6.49 21.24
N PHE B 358 -43.57 5.25 20.76
CA PHE B 358 -43.34 4.98 19.35
C PHE B 358 -44.43 5.54 18.46
N LEU B 359 -45.65 5.65 18.98
CA LEU B 359 -46.75 6.16 18.19
C LEU B 359 -46.98 7.66 18.32
N SER B 360 -46.41 8.27 19.35
CA SER B 360 -46.58 9.71 19.58
C SER B 360 -45.82 10.51 18.53
N ARG B 361 -44.94 9.82 17.80
CA ARG B 361 -44.12 10.44 16.77
C ARG B 361 -44.93 10.96 15.58
N ASN B 362 -44.77 12.24 15.28
CA ASN B 362 -45.44 12.90 14.16
C ASN B 362 -45.01 12.15 12.91
N ARG B 363 -45.94 11.44 12.27
CA ARG B 363 -45.59 10.63 11.11
C ARG B 363 -46.55 10.72 9.91
N ALA B 364 -45.99 10.61 8.71
CA ALA B 364 -46.80 10.72 7.50
C ALA B 364 -47.71 9.54 7.12
N PHE B 365 -47.36 8.33 7.54
CA PHE B 365 -48.18 7.19 7.14
C PHE B 365 -48.88 6.28 8.13
N ARG B 366 -48.83 6.53 9.43
CA ARG B 366 -49.53 5.63 10.36
C ARG B 366 -48.88 4.25 10.43
N PRO B 367 -48.18 3.98 11.53
CA PRO B 367 -47.50 2.68 11.74
C PRO B 367 -48.48 1.51 11.79
N PHE B 368 -47.96 0.29 11.63
CA PHE B 368 -48.77 -0.91 11.62
C PHE B 368 -48.15 -2.03 12.44
N ILE B 369 -48.93 -3.09 12.66
CA ILE B 369 -48.48 -4.26 13.41
C ILE B 369 -48.17 -5.41 12.47
N GLU B 370 -47.02 -6.06 12.68
CA GLU B 370 -46.62 -7.20 11.87
C GLU B 370 -45.75 -8.10 12.73
N ASN B 371 -46.20 -9.34 12.88
CA ASN B 371 -45.51 -10.34 13.68
C ASN B 371 -45.23 -9.95 15.12
N GLY B 372 -46.26 -9.47 15.80
CA GLY B 372 -46.11 -9.14 17.20
C GLY B 372 -45.50 -7.81 17.58
N ARG B 373 -45.04 -7.04 16.60
CA ARG B 373 -44.47 -5.76 16.95
C ARG B 373 -44.84 -4.65 16.00
N TRP B 374 -44.63 -3.41 16.45
CA TRP B 374 -44.96 -2.26 15.64
C TRP B 374 -43.86 -1.92 14.65
N TRP B 375 -44.28 -1.33 13.53
CA TRP B 375 -43.37 -0.92 12.47
C TRP B 375 -43.90 0.40 11.94
N ALA B 376 -43.01 1.24 11.43
CA ALA B 376 -43.45 2.52 10.90
C ALA B 376 -42.83 2.82 9.56
N PHE B 377 -43.61 3.45 8.68
CA PHE B 377 -43.07 3.84 7.40
C PHE B 377 -42.42 5.18 7.69
N GLU B 378 -41.24 5.38 7.11
CA GLU B 378 -40.50 6.61 7.33
C GLU B 378 -40.03 7.07 5.96
N MET B 379 -39.69 8.35 5.84
CA MET B 379 -39.22 8.89 4.57
C MET B 379 -37.72 9.22 4.62
N ARG B 380 -37.02 8.93 3.53
CA ARG B 380 -35.58 9.20 3.45
C ARG B 380 -35.35 10.65 3.02
N LYS B 381 -34.21 11.22 3.43
CA LYS B 381 -33.87 12.59 3.06
C LYS B 381 -33.23 12.62 1.68
N PHE B 382 -32.92 11.43 1.15
CA PHE B 382 -32.33 11.30 -0.19
C PHE B 382 -32.65 9.93 -0.78
N THR B 383 -32.61 9.81 -2.10
CA THR B 383 -32.94 8.55 -2.74
C THR B 383 -31.89 7.95 -3.68
N THR B 384 -30.76 8.62 -3.83
CA THR B 384 -29.72 8.08 -4.70
C THR B 384 -28.43 8.07 -3.93
N PRO B 385 -27.47 7.23 -4.35
CA PRO B 385 -26.18 7.14 -3.66
C PRO B 385 -25.44 8.49 -3.71
N GLU B 386 -25.48 9.13 -4.88
CA GLU B 386 -24.82 10.41 -5.07
C GLU B 386 -25.38 11.45 -4.10
N GLU B 387 -26.71 11.56 -4.02
CA GLU B 387 -27.32 12.52 -3.10
C GLU B 387 -26.91 12.15 -1.67
N GLY B 388 -26.78 10.86 -1.40
CA GLY B 388 -26.39 10.42 -0.08
C GLY B 388 -24.98 10.87 0.25
N VAL B 389 -24.04 10.57 -0.64
CA VAL B 389 -22.65 10.95 -0.40
C VAL B 389 -22.48 12.46 -0.31
N ARG B 390 -23.17 13.20 -1.17
CA ARG B 390 -23.04 14.66 -1.13
C ARG B 390 -23.44 15.13 0.25
N SER B 391 -24.41 14.43 0.82
CA SER B 391 -24.91 14.78 2.13
C SER B 391 -23.89 14.40 3.20
N TYR B 392 -23.49 13.13 3.18
CA TYR B 392 -22.53 12.59 4.14
C TYR B 392 -21.17 13.32 4.10
N ALA B 393 -20.62 13.47 2.90
CA ALA B 393 -19.32 14.12 2.75
C ALA B 393 -19.33 15.56 3.26
N SER B 394 -20.41 16.29 3.01
CA SER B 394 -20.49 17.67 3.47
C SER B 394 -20.61 17.78 4.98
N THR B 395 -21.14 16.74 5.61
CA THR B 395 -21.35 16.79 7.06
C THR B 395 -20.36 16.02 7.92
N HIS B 396 -19.80 14.95 7.38
CA HIS B 396 -18.84 14.11 8.11
C HIS B 396 -17.44 14.22 7.51
N TRP B 397 -17.11 15.40 6.98
CA TRP B 397 -15.80 15.61 6.38
C TRP B 397 -14.68 15.37 7.40
N HIS B 398 -14.89 15.73 8.65
CA HIS B 398 -13.85 15.57 9.65
C HIS B 398 -13.49 14.13 9.99
N THR B 399 -14.28 13.18 9.53
CA THR B 399 -13.98 11.79 9.85
C THR B 399 -13.29 11.08 8.67
N LEU B 400 -13.08 11.81 7.58
CA LEU B 400 -12.47 11.22 6.40
C LEU B 400 -10.97 11.47 6.33
N GLY B 401 -10.28 11.34 7.46
CA GLY B 401 -8.84 11.58 7.49
C GLY B 401 -8.51 13.06 7.70
N LYS B 402 -7.53 13.33 8.55
CA LYS B 402 -7.10 14.69 8.88
C LYS B 402 -6.96 15.64 7.68
N ASN B 403 -6.08 15.30 6.75
CA ASN B 403 -5.84 16.15 5.59
C ASN B 403 -6.84 15.96 4.47
N VAL B 404 -7.16 14.70 4.15
CA VAL B 404 -8.13 14.44 3.10
C VAL B 404 -9.46 15.04 3.52
N GLY B 405 -9.79 14.93 4.80
CA GLY B 405 -11.04 15.46 5.29
C GLY B 405 -11.08 16.98 5.19
N GLU B 406 -10.03 17.63 5.66
CA GLU B 406 -9.97 19.09 5.61
C GLU B 406 -10.08 19.62 4.19
N SER B 407 -9.55 18.86 3.23
CA SER B 407 -9.62 19.27 1.84
C SER B 407 -11.05 19.18 1.30
N ILE B 408 -11.73 18.07 1.60
CA ILE B 408 -13.11 17.88 1.18
C ILE B 408 -14.00 18.95 1.81
N ARG B 409 -13.63 19.39 3.01
CA ARG B 409 -14.38 20.43 3.71
C ARG B 409 -14.37 21.73 2.91
N GLU B 410 -13.21 22.06 2.33
CA GLU B 410 -13.09 23.29 1.56
C GLU B 410 -13.58 23.14 0.12
N TYR B 411 -13.79 21.91 -0.32
CA TYR B 411 -14.28 21.65 -1.68
C TYR B 411 -14.27 20.19 -2.10
N PHE B 412 -15.33 19.80 -2.80
CA PHE B 412 -15.46 18.47 -3.33
C PHE B 412 -16.69 18.44 -4.22
N GLU B 413 -16.68 17.56 -5.20
CA GLU B 413 -17.83 17.43 -6.06
C GLU B 413 -18.03 15.96 -6.42
N ILE B 414 -19.25 15.61 -6.79
CA ILE B 414 -19.56 14.24 -7.16
C ILE B 414 -19.73 14.16 -8.66
N ILE B 415 -18.82 13.45 -9.31
CA ILE B 415 -18.85 13.29 -10.76
C ILE B 415 -19.49 11.95 -11.13
N SER B 416 -20.30 11.96 -12.18
CA SER B 416 -20.96 10.75 -12.63
C SER B 416 -21.03 10.73 -14.16
N GLY B 417 -21.82 9.82 -14.70
CA GLY B 417 -21.99 9.73 -16.15
C GLY B 417 -20.78 10.00 -17.04
N GLU B 418 -21.07 10.58 -18.20
CA GLU B 418 -20.05 10.89 -19.21
C GLU B 418 -18.96 11.80 -18.68
N LYS B 419 -19.32 12.80 -17.87
CA LYS B 419 -18.32 13.71 -17.32
C LYS B 419 -17.31 13.03 -16.40
N LEU B 420 -17.57 11.77 -16.05
CA LEU B 420 -16.68 11.01 -15.18
C LEU B 420 -15.63 10.24 -15.97
N PHE B 421 -16.05 9.67 -17.09
CA PHE B 421 -15.17 8.88 -17.95
C PHE B 421 -14.06 9.74 -18.57
N LYS B 422 -14.15 11.06 -18.37
CA LYS B 422 -13.15 12.00 -18.86
C LYS B 422 -11.99 12.11 -17.88
N GLU B 423 -12.31 12.01 -16.60
CA GLU B 423 -11.31 12.09 -15.54
C GLU B 423 -10.29 10.96 -15.68
N PRO B 424 -9.11 11.12 -15.07
CA PRO B 424 -8.00 10.16 -15.09
C PRO B 424 -8.23 8.95 -14.20
N VAL B 425 -9.40 8.34 -14.31
CA VAL B 425 -9.72 7.20 -13.46
C VAL B 425 -10.23 5.97 -14.19
N THR B 426 -10.21 5.99 -15.51
CA THR B 426 -10.69 4.85 -16.29
C THR B 426 -9.98 3.56 -15.90
N ALA B 427 -8.67 3.61 -15.78
CA ALA B 427 -7.91 2.42 -15.41
C ALA B 427 -8.44 1.84 -14.11
N GLU B 428 -8.52 2.69 -13.09
CA GLU B 428 -9.01 2.27 -11.77
C GLU B 428 -10.42 1.68 -11.83
N LEU B 429 -11.30 2.29 -12.61
CA LEU B 429 -12.67 1.81 -12.72
C LEU B 429 -12.73 0.44 -13.40
N CYS B 430 -11.99 0.29 -14.50
CA CYS B 430 -11.95 -0.97 -15.21
C CYS B 430 -11.44 -2.05 -14.26
N GLU B 431 -10.43 -1.71 -13.49
CA GLU B 431 -9.86 -2.65 -12.53
C GLU B 431 -10.88 -3.00 -11.45
N MET B 432 -11.60 -1.99 -10.99
CA MET B 432 -12.59 -2.16 -9.94
C MET B 432 -13.78 -3.03 -10.37
N MET B 433 -14.15 -2.93 -11.65
CA MET B 433 -15.27 -3.68 -12.20
C MET B 433 -14.84 -5.02 -12.76
N GLY B 434 -13.53 -5.27 -12.78
CA GLY B 434 -13.05 -6.53 -13.28
C GLY B 434 -13.16 -6.70 -14.78
N VAL B 435 -13.13 -5.61 -15.52
CA VAL B 435 -13.22 -5.71 -16.97
C VAL B 435 -11.95 -6.42 -17.42
N LYS B 436 -12.09 -7.52 -18.17
CA LYS B 436 -10.92 -8.23 -18.63
C LYS B 436 -10.43 -7.75 -19.99
N ASP B 437 -9.18 -8.11 -20.30
CA ASP B 437 -8.48 -7.75 -21.52
C ASP B 437 -7.10 -7.21 -21.15
#